data_2D1B
#
_entry.id   2D1B
#
_entity_poly.entity_id   1
_entity_poly.type   'polyribonucleotide'
_entity_poly.pdbx_seq_one_letter_code
;GGGUCGGCUUGCUGAAGUGCACACGGCAAGAGGCGACCC
;
_entity_poly.pdbx_strand_id   A,B
#
loop_
_chem_comp.id
_chem_comp.type
_chem_comp.name
_chem_comp.formula
A RNA linking ADENOSINE-5'-MONOPHOSPHATE 'C10 H14 N5 O7 P'
C RNA linking CYTIDINE-5'-MONOPHOSPHATE 'C9 H14 N3 O8 P'
G RNA linking GUANOSINE-5'-MONOPHOSPHATE 'C10 H14 N5 O8 P'
U RNA linking URIDINE-5'-MONOPHOSPHATE 'C9 H13 N2 O9 P'
#